data_6W3J
#
_entry.id   6W3J
#
_cell.length_a   88.033
_cell.length_b   161.449
_cell.length_c   167.471
_cell.angle_alpha   90.00
_cell.angle_beta   90.00
_cell.angle_gamma   90.00
#
_symmetry.space_group_name_H-M   'I 2 2 2'
#
loop_
_entity.id
_entity.type
_entity.pdbx_description
1 polymer 'Terminal nucleotidyltransferase 5C'
2 polymer 'Serine/threonine-protein kinase PLK4'
3 polymer 'Centrosomal protein of 192 kDa'
#
loop_
_entity_poly.entity_id
_entity_poly.type
_entity_poly.pdbx_seq_one_letter_code
_entity_poly.pdbx_strand_id
1 'polypeptide(L)'
;MAFSVLNWDQVSRLHEVLTEVVPIHGRGNFPTLEITLKDIVQTVRSRLEEAGIKVHDVRLNGSAAGHVLVKDNGLGCKDL
DLIFHVALPTEAEFQLVRDVVLCSLLNFLPEGVNKLKISPVTLKEAYVQKLVKVCTDTDRWSLISLSNKNGKNVELKFVD
SIRRQFEFSVDSFQIILDSLLFFYDCSNNPISEHFHPTVIGESMYGDFEEAFDHLQNRLIATKNPEEIRGGGLLKYSNLL
VRDFRPTDQEEIKTLERYMCSRFFIDFPDILEQQRKLETYLQNHFAEEERSKYDYLMILRRVVNESTVCLMGHERRQTLN
LISLLALRVLAEQNIIPSATNVTCYYQ
;
A
2 'polypeptide(L)'
;RTLRSITSPLVAHRLKPIRQKTKKAVVSILDSEEVCVELVKEYASQEYVKEVLQISSDGNTITIYYPNGGRGFPLADRPP
SPTDNISRYSFDNLPEKYWRKYQYASRFVQLVRSKSPKITYFTRYAKCILMENSPGADFEVWFYDGVKIHKTEDFIQVIE
KTGKSYTLKSESEVNSLKEEIKMYMDHANEGHRICLALESIISEEERKTRSAPFFPIIIGRKP
;
B
3 'polypeptide(L)' IDDEMFYDDHLEAYFEQLAIPG C
#
# COMPACT_ATOMS: atom_id res chain seq x y z
N MET A 1 17.60 -5.83 20.51
CA MET A 1 16.62 -5.17 21.37
C MET A 1 16.96 -5.37 22.85
N ALA A 2 16.99 -4.27 23.61
CA ALA A 2 17.40 -4.29 25.00
C ALA A 2 16.16 -4.43 25.91
N PHE A 3 16.37 -4.29 27.22
CA PHE A 3 15.32 -4.51 28.20
C PHE A 3 15.58 -3.57 29.39
N SER A 4 14.57 -2.78 29.77
CA SER A 4 14.73 -1.86 30.90
C SER A 4 13.52 -1.93 31.82
N VAL A 5 13.59 -1.23 32.95
CA VAL A 5 12.58 -1.34 33.99
C VAL A 5 12.12 0.04 34.48
N LEU A 6 10.85 0.34 34.22
CA LEU A 6 10.18 1.55 34.67
C LEU A 6 10.29 1.75 36.19
N ASN A 7 10.79 2.91 36.60
CA ASN A 7 10.87 3.19 38.03
C ASN A 7 9.46 3.46 38.58
N TRP A 8 9.35 3.71 39.88
CA TRP A 8 8.03 3.88 40.49
C TRP A 8 7.27 5.04 39.87
N ASP A 9 7.93 6.19 39.69
CA ASP A 9 7.30 7.32 39.00
C ASP A 9 6.70 6.88 37.66
N GLN A 10 7.51 6.14 36.89
CA GLN A 10 7.10 5.68 35.57
C GLN A 10 6.00 4.63 35.69
N VAL A 11 6.14 3.70 36.63
CA VAL A 11 5.13 2.64 36.77
C VAL A 11 3.80 3.26 37.14
N SER A 12 3.83 4.27 38.01
CA SER A 12 2.65 5.04 38.38
C SER A 12 2.01 5.66 37.15
N ARG A 13 2.81 6.34 36.32
CA ARG A 13 2.23 6.99 35.14
C ARG A 13 1.63 5.95 34.19
N LEU A 14 2.25 4.77 34.10
CA LEU A 14 1.66 3.67 33.33
C LEU A 14 0.30 3.29 33.92
N HIS A 15 0.24 3.21 35.25
CA HIS A 15 -1.00 2.85 35.93
C HIS A 15 -2.08 3.86 35.60
N GLU A 16 -1.69 5.14 35.54
CA GLU A 16 -2.63 6.20 35.21
C GLU A 16 -3.16 6.04 33.80
N VAL A 17 -2.28 5.68 32.86
CA VAL A 17 -2.74 5.40 31.50
C VAL A 17 -3.75 4.26 31.50
N LEU A 18 -3.40 3.16 32.18
CA LEU A 18 -4.24 1.95 32.17
C LEU A 18 -5.56 2.11 32.92
N THR A 19 -5.66 3.05 33.86
CA THR A 19 -6.90 3.28 34.59
C THR A 19 -7.62 4.54 34.16
N GLU A 20 -7.08 5.28 33.21
CA GLU A 20 -7.77 6.46 32.67
C GLU A 20 -9.04 6.05 31.93
N VAL A 21 -10.16 6.65 32.33
CA VAL A 21 -11.45 6.38 31.70
C VAL A 21 -11.46 7.13 30.37
N VAL A 22 -11.47 6.40 29.26
CA VAL A 22 -11.45 6.99 27.94
C VAL A 22 -12.83 6.90 27.31
N PRO A 23 -13.37 8.01 26.79
CA PRO A 23 -14.66 7.95 26.09
C PRO A 23 -14.44 7.54 24.64
N ILE A 24 -15.30 6.67 24.14
CA ILE A 24 -15.29 6.25 22.74
C ILE A 24 -16.57 6.74 22.10
N HIS A 25 -16.42 7.58 21.09
CA HIS A 25 -17.54 8.15 20.35
C HIS A 25 -18.28 7.07 19.57
N GLY A 26 -19.58 7.27 19.41
CA GLY A 26 -20.42 6.35 18.66
C GLY A 26 -21.02 7.01 17.43
N ARG A 27 -20.42 6.78 16.25
CA ARG A 27 -20.95 7.34 15.01
C ARG A 27 -22.42 6.99 14.86
N GLY A 28 -23.25 8.04 14.76
CA GLY A 28 -24.69 7.86 14.71
C GLY A 28 -25.34 8.14 16.05
N ASN A 29 -26.44 7.43 16.33
CA ASN A 29 -27.22 7.61 17.54
C ASN A 29 -26.66 6.81 18.71
N PHE A 30 -25.66 5.98 18.46
CA PHE A 30 -25.15 5.04 19.46
C PHE A 30 -24.44 5.79 20.60
N PRO A 31 -24.71 5.45 21.85
CA PRO A 31 -24.14 6.23 22.97
C PRO A 31 -22.62 6.10 23.07
N THR A 32 -22.04 7.10 23.74
CA THR A 32 -20.60 7.12 23.99
C THR A 32 -20.23 6.08 25.03
N LEU A 33 -19.28 5.19 24.67
CA LEU A 33 -18.81 4.18 25.59
C LEU A 33 -17.76 4.75 26.55
N GLU A 34 -17.92 4.52 27.85
CA GLU A 34 -16.94 5.00 28.84
C GLU A 34 -15.99 3.87 29.23
N ILE A 35 -15.09 3.51 28.31
CA ILE A 35 -14.24 2.34 28.53
C ILE A 35 -12.95 2.68 29.27
N THR A 36 -12.12 1.66 29.47
CA THR A 36 -10.84 1.75 30.15
C THR A 36 -9.91 0.72 29.51
N LEU A 37 -8.62 1.06 29.41
CA LEU A 37 -7.68 0.18 28.72
C LEU A 37 -7.54 -1.17 29.42
N LYS A 38 -7.37 -1.16 30.75
CA LYS A 38 -7.35 -2.41 31.51
C LYS A 38 -8.53 -3.30 31.16
N ASP A 39 -9.74 -2.72 31.13
CA ASP A 39 -10.94 -3.52 30.89
C ASP A 39 -10.97 -4.11 29.49
N ILE A 40 -10.71 -3.29 28.46
CA ILE A 40 -10.70 -3.81 27.09
C ILE A 40 -9.65 -4.89 26.94
N VAL A 41 -8.44 -4.64 27.45
CA VAL A 41 -7.36 -5.61 27.32
C VAL A 41 -7.75 -6.93 27.96
N GLN A 42 -8.26 -6.87 29.20
CA GLN A 42 -8.70 -8.06 29.90
C GLN A 42 -9.76 -8.81 29.10
N THR A 43 -10.86 -8.15 28.75
CA THR A 43 -11.94 -8.82 28.01
C THR A 43 -11.43 -9.46 26.72
N VAL A 44 -10.66 -8.72 25.93
CA VAL A 44 -10.15 -9.23 24.65
C VAL A 44 -9.24 -10.44 24.88
N ARG A 45 -8.31 -10.33 25.83
CA ARG A 45 -7.39 -11.44 26.09
C ARG A 45 -8.14 -12.66 26.59
N SER A 46 -9.09 -12.47 27.51
CA SER A 46 -9.86 -13.58 28.06
C SER A 46 -10.62 -14.31 26.96
N ARG A 47 -11.28 -13.55 26.07
CA ARG A 47 -12.08 -14.22 25.06
C ARG A 47 -11.21 -14.80 23.96
N LEU A 48 -10.02 -14.25 23.74
CA LEU A 48 -9.13 -14.83 22.75
C LEU A 48 -8.60 -16.17 23.25
N GLU A 49 -8.17 -16.22 24.51
CA GLU A 49 -7.74 -17.49 25.10
C GLU A 49 -8.86 -18.51 25.10
N GLU A 50 -10.08 -18.08 25.49
CA GLU A 50 -11.23 -18.99 25.48
C GLU A 50 -11.51 -19.51 24.07
N ALA A 51 -11.35 -18.65 23.06
CA ALA A 51 -11.64 -19.03 21.69
C ALA A 51 -10.52 -19.83 21.03
N GLY A 52 -9.42 -20.06 21.74
CA GLY A 52 -8.36 -20.92 21.25
C GLY A 52 -7.21 -20.22 20.58
N ILE A 53 -7.03 -18.93 20.81
CA ILE A 53 -5.92 -18.18 20.26
C ILE A 53 -5.03 -17.73 21.42
N LYS A 54 -3.84 -18.31 21.51
CA LYS A 54 -2.90 -17.89 22.55
C LYS A 54 -2.48 -16.44 22.33
N VAL A 55 -2.43 -15.68 23.42
CA VAL A 55 -1.95 -14.31 23.42
C VAL A 55 -0.63 -14.31 24.17
N HIS A 56 0.50 -14.24 23.45
CA HIS A 56 1.79 -14.34 24.13
C HIS A 56 2.12 -13.08 24.93
N ASP A 57 1.82 -11.91 24.37
CA ASP A 57 2.21 -10.61 24.93
C ASP A 57 1.05 -9.64 24.78
N VAL A 58 1.00 -8.65 25.67
CA VAL A 58 0.21 -7.44 25.43
C VAL A 58 1.08 -6.22 25.74
N ARG A 59 1.24 -5.35 24.76
CA ARG A 59 2.09 -4.16 24.85
C ARG A 59 1.34 -2.85 24.56
N LEU A 60 1.91 -1.76 25.07
CA LEU A 60 1.45 -0.39 24.82
C LEU A 60 2.46 0.34 23.93
N ASN A 61 2.01 0.78 22.76
CA ASN A 61 2.83 1.47 21.78
C ASN A 61 2.46 2.96 21.75
N GLY A 62 2.74 3.61 20.62
CA GLY A 62 2.37 4.99 20.35
C GLY A 62 3.08 6.03 21.20
N SER A 63 2.57 7.26 21.13
CA SER A 63 3.05 8.36 21.94
C SER A 63 2.79 8.16 23.43
N ALA A 64 1.97 7.17 23.78
CA ALA A 64 1.62 6.94 25.18
C ALA A 64 2.84 6.46 25.95
N ALA A 65 3.59 5.52 25.37
CA ALA A 65 4.83 5.08 26.01
C ALA A 65 5.77 6.26 26.25
N GLY A 66 5.90 7.16 25.27
CA GLY A 66 6.79 8.28 25.47
C GLY A 66 6.30 9.23 26.54
N HIS A 67 4.98 9.40 26.66
CA HIS A 67 4.44 10.26 27.71
C HIS A 67 4.61 9.61 29.08
N VAL A 68 4.69 8.27 29.11
CA VAL A 68 4.96 7.54 30.33
C VAL A 68 6.41 7.70 30.76
N LEU A 69 7.33 7.56 29.80
CA LEU A 69 8.76 7.63 30.11
C LEU A 69 9.21 9.05 30.43
N VAL A 70 8.61 10.08 29.83
CA VAL A 70 8.95 11.47 30.12
C VAL A 70 7.67 12.28 30.24
N LYS A 71 7.35 12.70 31.47
CA LYS A 71 6.12 13.39 31.80
C LYS A 71 5.98 14.68 30.99
N ASP A 72 4.76 14.91 30.49
CA ASP A 72 4.39 16.12 29.76
C ASP A 72 5.50 16.54 28.81
N ASN A 73 5.94 15.56 28.01
CA ASN A 73 6.77 15.84 26.85
C ASN A 73 5.95 16.56 25.76
N GLY A 74 6.62 16.87 24.66
CA GLY A 74 6.13 17.63 23.54
C GLY A 74 5.17 16.89 22.62
N LEU A 75 4.93 15.61 22.88
CA LEU A 75 4.25 14.73 21.94
C LEU A 75 2.75 14.58 22.16
N GLY A 76 2.20 15.09 23.26
CA GLY A 76 0.77 14.99 23.43
C GLY A 76 0.32 13.62 23.92
N CYS A 77 -0.98 13.34 23.71
CA CYS A 77 -1.56 12.12 24.23
C CYS A 77 -2.65 11.54 23.34
N LYS A 78 -2.80 11.99 22.10
CA LYS A 78 -3.94 11.55 21.29
C LYS A 78 -3.86 10.09 20.89
N ASP A 79 -2.69 9.45 20.97
CA ASP A 79 -2.50 8.09 20.49
C ASP A 79 -2.49 7.08 21.63
N LEU A 80 -3.24 5.97 21.46
CA LEU A 80 -3.33 4.89 22.45
C LEU A 80 -3.37 3.58 21.66
N ASP A 81 -2.19 3.09 21.29
CA ASP A 81 -2.06 1.93 20.42
C ASP A 81 -1.68 0.71 21.23
N LEU A 82 -2.44 -0.38 21.07
CA LEU A 82 -2.15 -1.63 21.75
C LEU A 82 -1.73 -2.69 20.75
N ILE A 83 -0.81 -3.56 21.17
CA ILE A 83 -0.32 -4.67 20.35
C ILE A 83 -0.50 -5.97 21.12
N PHE A 84 -1.22 -6.91 20.52
CA PHE A 84 -1.48 -8.25 21.05
C PHE A 84 -0.70 -9.26 20.21
N HIS A 85 0.45 -9.71 20.73
CA HIS A 85 1.27 -10.69 20.03
C HIS A 85 0.52 -12.00 19.91
N VAL A 86 -0.06 -12.20 18.72
CA VAL A 86 -0.99 -13.29 18.46
C VAL A 86 -0.64 -13.96 17.13
N ALA A 87 -0.68 -15.29 17.14
CA ALA A 87 -0.41 -16.06 15.93
C ALA A 87 -1.60 -16.02 14.97
N LEU A 88 -1.34 -15.73 13.69
CA LEU A 88 -2.40 -15.61 12.68
C LEU A 88 -2.06 -16.41 11.43
N PRO A 89 -2.35 -17.71 11.40
CA PRO A 89 -2.01 -18.48 10.20
C PRO A 89 -2.98 -18.35 9.03
N THR A 90 -4.23 -18.84 9.19
CA THR A 90 -5.22 -18.79 8.11
C THR A 90 -6.08 -17.53 8.25
N GLU A 91 -6.85 -17.24 7.19
CA GLU A 91 -7.84 -16.17 7.23
C GLU A 91 -8.98 -16.46 8.18
N ALA A 92 -9.19 -17.75 8.50
CA ALA A 92 -10.25 -18.10 9.45
C ALA A 92 -10.00 -17.42 10.78
N GLU A 93 -8.75 -17.46 11.25
CA GLU A 93 -8.41 -16.81 12.50
C GLU A 93 -8.52 -15.30 12.41
N PHE A 94 -8.16 -14.72 11.27
CA PHE A 94 -8.35 -13.28 11.07
C PHE A 94 -9.82 -12.90 11.23
N GLN A 95 -10.72 -13.74 10.72
CA GLN A 95 -12.14 -13.41 10.80
C GLN A 95 -12.64 -13.61 12.23
N LEU A 96 -12.11 -14.63 12.91
CA LEU A 96 -12.46 -14.84 14.30
C LEU A 96 -12.00 -13.65 15.13
N VAL A 97 -10.79 -13.14 14.84
CA VAL A 97 -10.26 -12.01 15.60
C VAL A 97 -11.14 -10.79 15.41
N ARG A 98 -11.68 -10.60 14.20
CA ARG A 98 -12.63 -9.50 14.01
C ARG A 98 -13.93 -9.73 14.78
N ASP A 99 -14.43 -10.97 14.78
CA ASP A 99 -15.68 -11.22 15.50
C ASP A 99 -15.48 -11.01 16.99
N VAL A 100 -14.33 -11.47 17.50
CA VAL A 100 -14.04 -11.36 18.93
C VAL A 100 -13.92 -9.91 19.33
N VAL A 101 -13.27 -9.09 18.49
CA VAL A 101 -13.08 -7.69 18.85
C VAL A 101 -14.42 -6.96 18.84
N LEU A 102 -15.25 -7.19 17.82
CA LEU A 102 -16.55 -6.53 17.80
C LEU A 102 -17.42 -6.99 18.98
N CYS A 103 -17.34 -8.27 19.34
CA CYS A 103 -18.08 -8.77 20.49
C CYS A 103 -17.62 -8.08 21.77
N SER A 104 -16.30 -7.96 21.95
CA SER A 104 -15.82 -7.31 23.16
C SER A 104 -16.11 -5.82 23.14
N LEU A 105 -16.38 -5.25 21.96
CA LEU A 105 -16.89 -3.89 21.91
C LEU A 105 -18.29 -3.84 22.50
N LEU A 106 -19.12 -4.82 22.16
CA LEU A 106 -20.50 -4.89 22.66
C LEU A 106 -20.58 -4.96 24.18
N ASN A 107 -19.53 -5.45 24.84
CA ASN A 107 -19.55 -5.73 26.28
C ASN A 107 -19.55 -4.47 27.14
N PHE A 108 -19.04 -3.34 26.65
CA PHE A 108 -19.05 -2.10 27.43
C PHE A 108 -20.14 -1.15 26.95
N LEU A 109 -21.16 -1.01 27.79
CA LEU A 109 -22.35 -0.18 27.58
C LEU A 109 -22.97 0.09 28.94
N PRO A 110 -23.62 1.24 29.13
CA PRO A 110 -24.12 1.58 30.47
C PRO A 110 -25.44 0.93 30.86
N GLU A 111 -26.26 0.49 29.90
CA GLU A 111 -27.58 -0.03 30.25
C GLU A 111 -28.03 -1.14 29.30
N GLY A 112 -27.92 -0.89 28.00
CA GLY A 112 -28.37 -1.86 27.01
C GLY A 112 -27.46 -3.05 26.85
N VAL A 113 -26.76 -3.43 27.92
CA VAL A 113 -25.83 -4.56 27.89
C VAL A 113 -26.54 -5.83 27.47
N ASN A 114 -27.83 -5.95 27.79
CA ASN A 114 -28.61 -7.13 27.46
C ASN A 114 -28.89 -7.27 25.97
N LYS A 115 -28.51 -6.30 25.14
CA LYS A 115 -28.75 -6.37 23.71
C LYS A 115 -27.91 -7.47 23.07
N LEU A 116 -28.26 -8.72 23.31
CA LEU A 116 -27.50 -9.86 22.81
C LEU A 116 -27.95 -10.22 21.40
N LYS A 117 -27.99 -9.23 20.50
CA LYS A 117 -28.38 -9.48 19.12
C LYS A 117 -27.83 -8.39 18.20
N ILE A 118 -27.46 -7.24 18.76
CA ILE A 118 -26.85 -6.16 17.99
C ILE A 118 -25.65 -6.68 17.22
N SER A 119 -25.72 -6.65 15.88
CA SER A 119 -24.85 -7.50 15.08
C SER A 119 -23.52 -6.84 14.77
N PRO A 120 -22.52 -7.64 14.36
CA PRO A 120 -21.19 -7.09 14.07
C PRO A 120 -21.13 -6.08 12.94
N VAL A 121 -22.11 -6.04 12.04
CA VAL A 121 -22.03 -5.08 10.94
C VAL A 121 -22.49 -3.70 11.39
N THR A 122 -23.58 -3.62 12.16
CA THR A 122 -24.00 -2.32 12.63
C THR A 122 -22.96 -1.77 13.61
N LEU A 123 -22.26 -2.68 14.28
CA LEU A 123 -21.23 -2.26 15.21
C LEU A 123 -20.01 -1.76 14.45
N LYS A 124 -19.65 -2.42 13.36
CA LYS A 124 -18.55 -1.91 12.55
C LYS A 124 -18.92 -0.52 12.03
N GLU A 125 -20.14 -0.37 11.50
CA GLU A 125 -20.52 0.90 10.89
C GLU A 125 -20.92 1.94 11.94
N ALA A 126 -20.68 1.68 13.21
CA ALA A 126 -21.09 2.64 14.24
C ALA A 126 -19.93 3.00 15.17
N TYR A 127 -19.02 2.07 15.39
CA TYR A 127 -17.93 2.22 16.36
C TYR A 127 -16.52 2.14 15.77
N VAL A 128 -16.32 1.40 14.68
CA VAL A 128 -15.02 1.27 14.04
C VAL A 128 -14.80 2.43 13.08
N GLN A 129 -13.60 3.02 13.14
CA GLN A 129 -13.24 4.12 12.26
C GLN A 129 -12.13 3.78 11.26
N LYS A 130 -11.31 2.77 11.54
CA LYS A 130 -10.21 2.43 10.64
C LYS A 130 -9.98 0.94 10.75
N LEU A 131 -9.92 0.24 9.62
CA LEU A 131 -9.71 -1.20 9.64
C LEU A 131 -8.60 -1.58 8.66
N VAL A 132 -7.63 -2.39 9.11
CA VAL A 132 -6.47 -2.69 8.28
C VAL A 132 -6.03 -4.16 8.40
N LYS A 133 -6.17 -4.94 7.32
CA LYS A 133 -5.70 -6.32 7.29
C LYS A 133 -4.44 -6.40 6.44
N VAL A 134 -3.39 -7.04 6.99
CA VAL A 134 -2.13 -7.25 6.26
C VAL A 134 -1.68 -8.69 6.45
N CYS A 135 -1.47 -9.40 5.33
CA CYS A 135 -1.01 -10.81 5.36
C CYS A 135 -0.12 -11.01 4.12
N THR A 136 1.12 -10.54 4.22
CA THR A 136 2.00 -10.58 3.06
C THR A 136 3.16 -11.54 3.32
N ASP A 137 4.26 -11.33 2.61
CA ASP A 137 5.46 -12.16 2.78
C ASP A 137 5.90 -12.15 4.23
N THR A 138 6.40 -11.00 4.69
CA THR A 138 6.89 -10.84 6.06
C THR A 138 5.81 -10.29 6.97
N ASP A 139 5.22 -9.15 6.59
CA ASP A 139 4.19 -8.50 7.38
C ASP A 139 2.94 -9.37 7.47
N ARG A 140 2.36 -9.43 8.67
CA ARG A 140 1.17 -10.25 8.93
C ARG A 140 0.57 -9.79 10.26
N TRP A 141 -0.49 -8.99 10.17
CA TRP A 141 -1.13 -8.35 11.33
C TRP A 141 -2.47 -7.76 10.93
N SER A 142 -3.29 -7.47 11.95
CA SER A 142 -4.60 -6.86 11.76
C SER A 142 -4.80 -5.69 12.72
N LEU A 143 -5.51 -4.67 12.28
CA LEU A 143 -5.61 -3.44 13.05
C LEU A 143 -7.03 -2.92 13.05
N ILE A 144 -7.57 -2.66 14.25
CA ILE A 144 -8.90 -2.09 14.44
C ILE A 144 -8.74 -0.80 15.22
N SER A 145 -9.35 0.28 14.71
CA SER A 145 -9.30 1.60 15.30
C SER A 145 -10.64 2.03 15.90
N LEU A 146 -10.56 2.81 16.96
CA LEU A 146 -11.70 3.38 17.66
C LEU A 146 -11.81 4.87 17.36
N SER A 147 -12.98 5.42 17.69
CA SER A 147 -13.37 6.75 17.22
C SER A 147 -12.42 7.86 17.65
N ASN A 148 -12.23 8.82 16.74
CA ASN A 148 -11.30 9.94 16.85
C ASN A 148 -12.07 11.25 16.92
N LYS A 149 -12.17 11.84 18.12
CA LYS A 149 -12.86 13.11 18.25
C LYS A 149 -12.52 13.78 19.59
N ASN A 150 -13.56 14.18 20.34
CA ASN A 150 -13.34 14.85 21.62
C ASN A 150 -12.58 13.99 22.62
N GLY A 151 -12.32 12.73 22.32
CA GLY A 151 -11.48 11.91 23.16
C GLY A 151 -10.16 11.55 22.50
N LYS A 152 -9.77 10.29 22.61
CA LYS A 152 -8.52 9.79 22.07
C LYS A 152 -8.81 8.50 21.30
N ASN A 153 -8.05 8.26 20.23
CA ASN A 153 -8.27 7.06 19.42
C ASN A 153 -7.50 5.87 19.97
N VAL A 154 -8.23 4.79 20.25
CA VAL A 154 -7.66 3.58 20.82
C VAL A 154 -7.50 2.62 19.64
N GLU A 155 -6.28 2.18 19.38
CA GLU A 155 -5.97 1.31 18.24
C GLU A 155 -5.45 -0.04 18.72
N LEU A 156 -6.17 -1.10 18.38
CA LEU A 156 -5.82 -2.48 18.72
C LEU A 156 -5.19 -3.16 17.51
N LYS A 157 -3.92 -3.55 17.65
CA LYS A 157 -3.14 -4.13 16.57
C LYS A 157 -2.65 -5.52 16.97
N PHE A 158 -2.93 -6.52 16.13
CA PHE A 158 -2.66 -7.93 16.36
C PHE A 158 -1.56 -8.40 15.41
N VAL A 159 -0.34 -8.53 15.93
CA VAL A 159 0.88 -8.75 15.15
C VAL A 159 1.31 -10.20 15.26
N ASP A 160 1.34 -10.91 14.12
CA ASP A 160 1.88 -12.27 13.99
C ASP A 160 3.37 -12.19 13.64
N SER A 161 3.69 -11.37 12.64
CA SER A 161 5.04 -11.01 12.28
C SER A 161 4.93 -9.62 11.68
N ILE A 162 5.97 -8.81 11.88
CA ILE A 162 6.00 -7.44 11.39
C ILE A 162 7.41 -7.06 11.02
N ARG A 163 7.55 -6.38 9.88
CA ARG A 163 8.82 -6.08 9.26
C ARG A 163 9.53 -5.02 10.12
N ARG A 164 9.40 -5.15 11.44
CA ARG A 164 9.98 -4.25 12.42
C ARG A 164 9.73 -2.78 12.10
N GLN A 165 8.50 -2.31 12.32
CA GLN A 165 8.31 -0.91 11.97
C GLN A 165 9.23 -0.05 12.82
N PHE A 166 10.30 0.35 12.16
CA PHE A 166 11.41 1.10 12.68
C PHE A 166 10.99 2.55 12.47
N GLU A 167 11.33 3.42 13.40
CA GLU A 167 11.00 4.79 13.09
C GLU A 167 11.97 5.72 13.77
N PHE A 168 11.49 6.86 14.25
CA PHE A 168 12.40 7.68 15.00
C PHE A 168 12.53 7.12 16.41
N SER A 169 13.64 7.47 17.06
CA SER A 169 13.93 6.89 18.37
C SER A 169 12.76 7.12 19.31
N VAL A 170 12.05 8.23 19.10
CA VAL A 170 11.06 8.71 20.04
C VAL A 170 9.75 7.94 19.98
N ASP A 171 9.49 7.14 18.93
CA ASP A 171 8.29 6.33 18.93
C ASP A 171 8.57 4.86 18.66
N SER A 172 9.72 4.35 19.10
CA SER A 172 10.06 2.94 18.94
C SER A 172 9.87 2.18 20.25
N PHE A 173 9.04 2.68 21.15
CA PHE A 173 8.93 2.16 22.50
C PHE A 173 7.76 1.19 22.65
N GLN A 174 8.00 0.07 23.33
CA GLN A 174 6.93 -0.88 23.67
C GLN A 174 7.05 -1.26 25.14
N ILE A 175 5.92 -1.29 25.84
CA ILE A 175 5.91 -1.65 27.26
C ILE A 175 5.13 -2.94 27.44
N ILE A 176 5.78 -3.95 28.04
CA ILE A 176 5.15 -5.26 28.21
C ILE A 176 4.21 -5.16 29.41
N LEU A 177 2.90 -5.26 29.16
CA LEU A 177 1.89 -4.93 30.15
C LEU A 177 1.56 -6.07 31.11
N ASP A 178 1.82 -7.32 30.72
CA ASP A 178 1.46 -8.49 31.51
C ASP A 178 1.65 -8.33 33.01
N SER A 179 2.83 -7.87 33.42
CA SER A 179 3.13 -7.65 34.83
C SER A 179 2.12 -6.73 35.53
N LEU A 180 1.60 -5.71 34.86
CA LEU A 180 0.67 -4.85 35.58
C LEU A 180 -0.77 -5.34 35.56
N LEU A 181 -1.20 -6.07 34.53
CA LEU A 181 -2.53 -6.65 34.56
C LEU A 181 -2.62 -7.79 35.56
N PHE A 182 -1.55 -8.59 35.65
CA PHE A 182 -1.51 -9.69 36.60
C PHE A 182 -1.51 -9.20 38.05
N PHE A 183 -0.71 -8.18 38.34
CA PHE A 183 -0.58 -7.56 39.65
C PHE A 183 -1.88 -7.06 40.28
N TYR A 184 -3.03 -7.29 39.68
CA TYR A 184 -4.25 -6.87 40.33
C TYR A 184 -5.47 -7.61 39.77
N CYS A 186 -2.28 -11.79 42.61
CA CYS A 186 -3.30 -10.75 42.75
C CYS A 186 -3.24 -10.11 44.14
N SER A 187 -3.29 -8.79 44.14
CA SER A 187 -3.16 -7.97 45.34
C SER A 187 -4.52 -7.38 45.72
N ASN A 188 -4.80 -7.36 47.02
CA ASN A 188 -6.05 -6.81 47.55
C ASN A 188 -5.98 -5.31 47.74
N ASN A 189 -4.78 -4.73 47.82
CA ASN A 189 -4.57 -3.31 48.03
C ASN A 189 -3.96 -2.68 46.78
N PRO A 190 -4.08 -1.36 46.63
CA PRO A 190 -3.42 -0.68 45.51
C PRO A 190 -1.91 -0.50 45.62
N ILE A 191 -1.34 -0.28 44.43
CA ILE A 191 0.08 -0.07 44.19
C ILE A 191 0.59 1.20 44.87
N SER A 192 1.63 1.03 45.69
CA SER A 192 2.25 2.10 46.46
C SER A 192 3.73 2.14 46.11
N GLU A 193 4.44 3.14 46.65
CA GLU A 193 5.84 3.33 46.29
C GLU A 193 6.72 2.19 46.79
N HIS A 194 6.49 1.72 48.01
CA HIS A 194 7.29 0.63 48.55
C HIS A 194 6.82 -0.74 48.05
N PHE A 195 5.82 -0.78 47.16
CA PHE A 195 5.19 -2.04 46.75
C PHE A 195 4.67 -1.88 45.31
N HIS A 196 5.55 -2.03 44.33
CA HIS A 196 5.10 -1.97 42.95
C HIS A 196 5.58 -3.18 42.16
N PRO A 197 4.92 -3.50 41.04
CA PRO A 197 5.37 -4.58 40.17
C PRO A 197 6.56 -4.18 39.32
N THR A 198 7.28 -5.19 38.86
CA THR A 198 8.39 -4.99 37.94
C THR A 198 7.86 -4.95 36.52
N VAL A 199 7.99 -3.82 35.85
CA VAL A 199 7.48 -3.62 34.50
C VAL A 199 8.67 -3.52 33.57
N ILE A 200 8.53 -4.04 32.35
CA ILE A 200 9.66 -4.13 31.44
C ILE A 200 9.37 -3.38 30.15
N GLY A 201 10.26 -2.47 29.79
CA GLY A 201 10.21 -1.74 28.54
C GLY A 201 11.18 -2.34 27.53
N GLU A 202 10.83 -2.17 26.25
CA GLU A 202 11.61 -2.64 25.13
C GLU A 202 11.70 -1.56 24.06
N SER A 203 12.75 -1.70 23.25
CA SER A 203 13.06 -0.85 22.11
C SER A 203 13.11 -1.74 20.88
N MET A 204 12.30 -1.41 19.87
CA MET A 204 12.22 -2.21 18.65
C MET A 204 13.43 -2.10 17.75
N TYR A 205 14.40 -1.22 18.02
CA TYR A 205 15.64 -1.38 17.27
C TYR A 205 16.80 -0.78 18.06
N GLY A 206 17.80 -1.60 18.36
CA GLY A 206 18.94 -1.19 19.15
C GLY A 206 18.82 -1.17 20.66
N ASP A 207 19.79 -0.47 21.24
CA ASP A 207 19.93 -0.19 22.66
C ASP A 207 18.79 0.69 23.18
N PHE A 208 18.05 0.17 24.16
CA PHE A 208 16.92 0.88 24.73
C PHE A 208 17.41 2.16 25.42
N GLU A 209 18.55 2.08 26.09
CA GLU A 209 19.08 3.21 26.83
C GLU A 209 19.47 4.36 25.90
N GLU A 210 19.82 4.05 24.65
CA GLU A 210 20.15 5.09 23.68
C GLU A 210 18.89 5.84 23.29
N ALA A 211 17.80 5.11 23.01
CA ALA A 211 16.55 5.76 22.70
C ALA A 211 16.10 6.62 23.87
N PHE A 212 16.16 6.08 25.10
CA PHE A 212 15.77 6.86 26.26
C PHE A 212 16.56 8.16 26.33
N ASP A 213 17.87 8.09 26.09
CA ASP A 213 18.68 9.31 26.11
C ASP A 213 18.19 10.27 25.04
N HIS A 214 17.94 9.75 23.83
CA HIS A 214 17.44 10.58 22.74
C HIS A 214 16.14 11.29 23.14
N LEU A 215 15.32 10.62 23.95
CA LEU A 215 14.03 11.15 24.36
C LEU A 215 14.16 12.19 25.46
N GLN A 216 15.16 12.04 26.34
CA GLN A 216 15.37 13.04 27.36
C GLN A 216 15.99 14.30 26.77
N ASN A 217 16.97 14.13 25.88
CA ASN A 217 17.69 15.26 25.29
C ASN A 217 17.01 15.78 24.02
N ARG A 218 15.84 15.24 23.67
CA ARG A 218 15.09 15.60 22.47
C ARG A 218 15.92 15.51 21.18
N LEU A 219 16.34 14.29 20.86
CA LEU A 219 17.10 14.04 19.65
C LEU A 219 16.23 13.34 18.61
N ILE A 220 16.53 13.58 17.34
CA ILE A 220 15.94 12.88 16.20
C ILE A 220 16.94 11.88 15.61
N ALA A 221 16.56 10.61 15.53
CA ALA A 221 17.46 9.62 14.95
C ALA A 221 16.70 8.40 14.42
N THR A 222 17.31 7.75 13.41
CA THR A 222 16.81 6.51 12.81
C THR A 222 18.04 5.73 12.34
N LYS A 223 17.90 4.41 12.18
CA LYS A 223 18.99 3.63 11.62
C LYS A 223 18.66 2.69 10.45
N ASN A 224 17.41 2.60 10.02
CA ASN A 224 17.02 1.78 8.86
C ASN A 224 16.44 2.60 7.71
N PRO A 225 17.20 3.53 7.14
CA PRO A 225 16.59 4.39 6.13
C PRO A 225 16.22 3.67 4.84
N GLU A 226 16.88 2.55 4.52
CA GLU A 226 16.49 1.74 3.37
C GLU A 226 14.99 1.45 3.35
N GLU A 227 14.42 1.11 4.50
CA GLU A 227 13.04 0.65 4.63
C GLU A 227 12.07 1.79 4.96
N ILE A 228 12.51 3.04 4.83
CA ILE A 228 11.66 4.22 4.98
C ILE A 228 10.69 4.32 3.80
N ARG A 229 9.44 4.67 4.10
CA ARG A 229 8.44 4.84 3.06
C ARG A 229 7.99 6.32 3.07
N GLY A 230 6.88 6.61 2.40
CA GLY A 230 6.40 7.97 2.23
C GLY A 230 6.26 8.93 3.39
N GLY A 231 5.48 8.57 4.40
CA GLY A 231 5.25 9.48 5.52
C GLY A 231 6.37 9.82 6.47
N GLY A 232 7.59 9.36 6.19
CA GLY A 232 8.68 9.70 7.09
C GLY A 232 8.93 11.20 7.09
N LEU A 233 8.97 11.80 5.91
CA LEU A 233 9.15 13.24 5.83
C LEU A 233 8.11 13.96 6.66
N LEU A 234 6.84 13.52 6.57
CA LEU A 234 5.81 14.27 7.28
C LEU A 234 5.98 14.13 8.78
N LYS A 235 6.40 12.96 9.22
CA LYS A 235 6.63 12.75 10.64
C LYS A 235 7.82 13.59 11.06
N TYR A 236 8.84 13.63 10.19
CA TYR A 236 10.03 14.39 10.49
C TYR A 236 9.69 15.86 10.68
N SER A 237 8.80 16.40 9.83
CA SER A 237 8.45 17.80 10.01
C SER A 237 7.66 18.03 11.30
N ASN A 238 6.94 17.03 11.78
CA ASN A 238 6.22 17.22 13.03
C ASN A 238 7.22 17.29 14.16
N LEU A 239 8.25 16.44 14.10
CA LEU A 239 9.30 16.52 15.12
C LEU A 239 9.93 17.90 15.09
N LEU A 240 10.13 18.43 13.88
CA LEU A 240 10.76 19.74 13.76
C LEU A 240 9.88 20.80 14.40
N VAL A 241 8.57 20.78 14.12
CA VAL A 241 7.67 21.78 14.69
C VAL A 241 7.57 21.67 16.20
N ARG A 242 8.06 20.58 16.80
CA ARG A 242 8.06 20.45 18.25
C ARG A 242 9.44 20.61 18.87
N ASP A 243 10.33 21.29 18.13
CA ASP A 243 11.65 21.73 18.63
C ASP A 243 12.56 20.56 18.96
N PHE A 244 12.53 19.51 18.13
CA PHE A 244 13.52 18.45 18.22
C PHE A 244 14.58 18.70 17.14
N ARG A 245 15.83 18.38 17.47
CA ARG A 245 16.96 18.61 16.57
C ARG A 245 17.65 17.30 16.19
N PRO A 246 18.23 17.25 14.99
CA PRO A 246 18.98 16.05 14.58
C PRO A 246 20.17 15.75 15.47
N THR A 247 20.50 14.45 15.55
CA THR A 247 21.62 13.99 16.37
C THR A 247 22.96 14.51 15.87
N ASP A 248 23.07 14.84 14.59
CA ASP A 248 24.30 15.41 14.04
C ASP A 248 23.96 16.10 12.73
N GLN A 249 24.22 17.41 12.66
CA GLN A 249 23.79 18.21 11.53
C GLN A 249 24.40 17.77 10.21
N GLU A 250 25.46 16.95 10.25
CA GLU A 250 26.10 16.47 9.03
C GLU A 250 25.19 15.52 8.26
N GLU A 251 24.85 14.39 8.89
CA GLU A 251 24.12 13.32 8.22
C GLU A 251 22.66 13.66 7.94
N ILE A 252 22.10 14.64 8.63
CA ILE A 252 20.70 14.95 8.41
C ILE A 252 20.43 15.58 7.05
N LYS A 253 21.41 16.18 6.39
CA LYS A 253 21.13 16.65 5.04
C LYS A 253 20.94 15.47 4.10
N THR A 254 21.56 14.34 4.44
CA THR A 254 21.45 13.15 3.62
C THR A 254 20.15 12.43 3.95
N LEU A 255 19.83 12.33 5.25
CA LEU A 255 18.53 11.77 5.64
C LEU A 255 17.41 12.56 4.97
N GLU A 256 17.56 13.89 4.90
CA GLU A 256 16.54 14.75 4.32
C GLU A 256 16.37 14.43 2.85
N ARG A 257 17.49 14.32 2.13
CA ARG A 257 17.44 13.96 0.71
C ARG A 257 16.78 12.60 0.51
N TYR A 258 17.08 11.63 1.40
CA TYR A 258 16.48 10.31 1.24
C TYR A 258 14.97 10.37 1.43
N MET A 259 14.52 11.07 2.48
CA MET A 259 13.08 11.17 2.71
C MET A 259 12.39 11.87 1.56
N CYS A 260 13.01 12.92 1.02
CA CYS A 260 12.40 13.66 -0.10
C CYS A 260 12.26 12.78 -1.33
N SER A 261 13.34 12.09 -1.71
CA SER A 261 13.27 11.22 -2.89
C SER A 261 12.21 10.14 -2.70
N ARG A 262 12.18 9.49 -1.54
CA ARG A 262 11.20 8.43 -1.35
C ARG A 262 9.78 9.00 -1.30
N PHE A 263 9.65 10.27 -0.90
CA PHE A 263 8.35 10.91 -0.90
C PHE A 263 7.86 11.15 -2.31
N PHE A 264 8.76 11.55 -3.20
CA PHE A 264 8.28 11.84 -4.55
C PHE A 264 8.00 10.53 -5.27
N ILE A 265 8.83 9.51 -5.02
CA ILE A 265 8.60 8.20 -5.60
C ILE A 265 7.23 7.65 -5.18
N ASP A 266 6.83 7.87 -3.91
CA ASP A 266 5.58 7.30 -3.42
C ASP A 266 4.34 8.15 -3.64
N PHE A 267 4.47 9.45 -3.86
CA PHE A 267 3.31 10.31 -4.11
C PHE A 267 3.55 11.20 -5.34
N PRO A 268 3.51 10.61 -6.54
CA PRO A 268 3.84 11.36 -7.76
C PRO A 268 2.69 12.23 -8.25
N ASP A 269 1.45 11.78 -8.06
CA ASP A 269 0.28 12.53 -8.47
C ASP A 269 -0.08 13.59 -7.44
N ILE A 270 -0.17 14.85 -7.89
CA ILE A 270 -0.36 15.97 -6.97
C ILE A 270 -1.70 15.87 -6.27
N LEU A 271 -2.71 15.27 -6.91
CA LEU A 271 -4.00 15.07 -6.25
C LEU A 271 -3.86 14.13 -5.06
N GLU A 272 -3.07 13.07 -5.22
CA GLU A 272 -2.81 12.15 -4.12
C GLU A 272 -2.03 12.87 -3.03
N GLN A 273 -1.08 13.72 -3.41
CA GLN A 273 -0.36 14.52 -2.44
C GLN A 273 -1.32 15.37 -1.62
N GLN A 274 -2.22 16.10 -2.30
CA GLN A 274 -3.17 16.94 -1.59
C GLN A 274 -4.02 16.14 -0.61
N ARG A 275 -4.58 15.01 -1.06
CA ARG A 275 -5.32 14.16 -0.12
C ARG A 275 -4.48 13.77 1.08
N LYS A 276 -3.26 13.25 0.83
CA LYS A 276 -2.36 12.83 1.90
C LYS A 276 -2.09 13.95 2.89
N LEU A 277 -1.89 15.18 2.39
CA LEU A 277 -1.55 16.28 3.27
C LEU A 277 -2.77 16.77 4.05
N GLU A 278 -3.90 16.97 3.37
CA GLU A 278 -5.10 17.39 4.07
C GLU A 278 -5.48 16.39 5.18
N THR A 279 -5.35 15.09 4.92
CA THR A 279 -5.68 14.14 5.98
C THR A 279 -4.59 14.08 7.06
N TYR A 280 -3.35 14.37 6.71
CA TYR A 280 -2.32 14.37 7.75
C TYR A 280 -2.58 15.54 8.68
N LEU A 281 -2.90 16.69 8.08
CA LEU A 281 -3.13 17.91 8.82
C LEU A 281 -4.34 17.74 9.73
N GLN A 282 -5.40 17.08 9.22
CA GLN A 282 -6.61 16.91 10.00
C GLN A 282 -6.43 15.86 11.09
N ASN A 283 -5.38 15.04 10.99
CA ASN A 283 -5.08 14.04 12.01
C ASN A 283 -4.24 14.63 13.14
N HIS A 284 -3.09 15.24 12.80
CA HIS A 284 -2.13 15.70 13.79
C HIS A 284 -2.35 17.14 14.26
N PHE A 285 -3.12 17.94 13.54
CA PHE A 285 -3.32 19.34 13.92
C PHE A 285 -4.79 19.74 13.80
N ALA A 286 -5.66 18.89 14.37
CA ALA A 286 -7.10 19.14 14.32
C ALA A 286 -7.42 20.53 14.84
N GLU A 287 -6.89 20.88 16.01
CA GLU A 287 -7.15 22.17 16.62
C GLU A 287 -5.90 23.00 16.93
N GLU A 288 -4.69 22.48 16.76
CA GLU A 288 -3.51 23.29 17.02
C GLU A 288 -3.34 24.22 15.81
N GLU A 289 -4.16 25.27 15.79
CA GLU A 289 -4.22 26.18 14.65
C GLU A 289 -2.88 26.86 14.38
N ARG A 290 -2.27 27.39 15.44
CA ARG A 290 -0.99 28.08 15.34
C ARG A 290 0.11 27.13 14.88
N SER A 291 0.09 25.89 15.35
CA SER A 291 1.00 24.83 14.93
C SER A 291 0.93 24.48 13.45
N LYS A 292 -0.25 24.55 12.83
CA LYS A 292 -0.40 24.26 11.40
C LYS A 292 0.45 25.16 10.50
N TYR A 293 0.40 26.48 10.68
CA TYR A 293 1.22 27.34 9.81
C TYR A 293 2.71 27.07 10.02
N ASP A 294 3.14 26.95 11.27
CA ASP A 294 4.56 26.67 11.53
C ASP A 294 4.98 25.35 10.90
N TYR A 295 4.11 24.34 10.96
CA TYR A 295 4.37 23.06 10.34
C TYR A 295 4.50 23.18 8.82
N LEU A 296 3.49 23.79 8.18
CA LEU A 296 3.53 23.98 6.74
C LEU A 296 4.78 24.72 6.29
N MET A 297 5.27 25.68 7.08
CA MET A 297 6.45 26.40 6.67
C MET A 297 7.74 25.62 6.95
N ILE A 298 7.71 24.74 7.95
CA ILE A 298 8.84 23.83 8.14
C ILE A 298 8.93 22.89 6.96
N LEU A 299 7.81 22.26 6.60
CA LEU A 299 7.77 21.39 5.44
C LEU A 299 8.32 22.13 4.23
N ARG A 300 7.77 23.31 3.93
CA ARG A 300 8.21 24.03 2.74
C ARG A 300 9.72 24.26 2.74
N ARG A 301 10.28 24.65 3.91
CA ARG A 301 11.72 24.82 4.03
C ARG A 301 12.48 23.53 3.69
N VAL A 302 12.00 22.40 4.22
CA VAL A 302 12.71 21.13 4.01
C VAL A 302 12.63 20.72 2.53
N VAL A 303 11.42 20.74 1.98
CA VAL A 303 11.23 20.40 0.56
C VAL A 303 12.13 21.27 -0.31
N ASN A 304 12.21 22.57 0.01
CA ASN A 304 13.00 23.49 -0.80
C ASN A 304 14.49 23.19 -0.70
N GLU A 305 14.98 22.86 0.49
CA GLU A 305 16.42 22.64 0.64
C GLU A 305 16.85 21.24 0.18
N SER A 306 15.98 20.24 0.24
CA SER A 306 16.41 18.87 0.08
C SER A 306 15.84 18.18 -1.15
N THR A 307 15.05 18.88 -1.96
CA THR A 307 14.55 18.34 -3.22
C THR A 307 15.65 18.47 -4.26
N VAL A 308 16.02 17.35 -4.90
CA VAL A 308 17.12 17.45 -5.85
C VAL A 308 16.76 18.43 -6.97
N CYS A 309 17.80 18.97 -7.60
CA CYS A 309 17.62 20.02 -8.61
C CYS A 309 16.76 19.54 -9.78
N LEU A 310 16.96 18.29 -10.20
CA LEU A 310 16.24 17.80 -11.38
C LEU A 310 14.73 17.71 -11.18
N MET A 311 14.24 17.77 -9.95
CA MET A 311 12.80 17.68 -9.74
C MET A 311 12.24 19.03 -9.36
N GLY A 312 12.94 20.11 -9.75
CA GLY A 312 12.50 21.44 -9.38
C GLY A 312 11.10 21.75 -9.85
N HIS A 313 10.72 21.20 -11.00
CA HIS A 313 9.41 21.45 -11.57
C HIS A 313 8.36 20.92 -10.62
N GLU A 314 8.48 19.65 -10.22
CA GLU A 314 7.49 19.08 -9.32
C GLU A 314 7.59 19.76 -7.97
N ARG A 315 8.78 20.27 -7.67
CA ARG A 315 9.00 21.02 -6.45
C ARG A 315 8.05 22.20 -6.42
N ARG A 316 8.09 23.03 -7.46
CA ARG A 316 7.22 24.20 -7.49
C ARG A 316 5.75 23.81 -7.31
N GLN A 317 5.34 22.67 -7.89
CA GLN A 317 3.93 22.31 -7.80
C GLN A 317 3.57 21.98 -6.36
N THR A 318 4.49 21.35 -5.65
CA THR A 318 4.16 20.97 -4.30
C THR A 318 4.33 22.17 -3.41
N LEU A 319 5.35 22.98 -3.68
CA LEU A 319 5.48 24.22 -2.93
C LEU A 319 4.21 25.04 -3.06
N ASN A 320 3.60 25.04 -4.26
CA ASN A 320 2.36 25.79 -4.44
C ASN A 320 1.24 25.18 -3.63
N LEU A 321 1.14 23.86 -3.58
CA LEU A 321 0.12 23.24 -2.75
C LEU A 321 0.32 23.67 -1.31
N ILE A 322 1.57 23.66 -0.85
CA ILE A 322 1.86 24.05 0.53
C ILE A 322 1.45 25.50 0.73
N SER A 323 1.79 26.34 -0.26
CA SER A 323 1.43 27.75 -0.17
C SER A 323 -0.09 27.91 -0.08
N LEU A 324 -0.84 27.17 -0.91
CA LEU A 324 -2.29 27.36 -0.85
C LEU A 324 -2.85 26.95 0.50
N LEU A 325 -2.25 25.92 1.10
CA LEU A 325 -2.70 25.49 2.42
C LEU A 325 -2.41 26.58 3.44
N ALA A 326 -1.31 27.31 3.24
CA ALA A 326 -0.97 28.39 4.15
C ALA A 326 -2.02 29.49 4.05
N LEU A 327 -2.37 29.93 2.82
CA LEU A 327 -3.36 30.99 2.75
C LEU A 327 -4.64 30.62 3.49
N ARG A 328 -4.89 29.33 3.70
CA ARG A 328 -6.12 28.95 4.38
C ARG A 328 -5.90 28.90 5.88
N VAL A 329 -4.76 28.37 6.31
CA VAL A 329 -4.40 28.35 7.72
C VAL A 329 -4.03 29.72 8.28
N LEU A 330 -3.96 30.74 7.43
CA LEU A 330 -3.52 32.05 7.88
C LEU A 330 -4.70 33.00 7.99
N ALA A 331 -5.90 32.51 7.66
CA ALA A 331 -7.14 33.24 7.84
C ALA A 331 -8.11 32.52 8.78
N GLU A 332 -8.08 31.19 8.79
CA GLU A 332 -8.96 30.41 9.67
C GLU A 332 -8.41 29.00 9.83
N THR B 2 -3.25 -23.85 -5.13
CA THR B 2 -2.60 -22.55 -5.20
C THR B 2 -2.85 -21.86 -6.54
N LEU B 3 -3.00 -20.54 -6.48
CA LEU B 3 -3.20 -19.72 -7.67
C LEU B 3 -2.03 -19.82 -8.64
N ARG B 4 -0.80 -19.92 -8.12
CA ARG B 4 0.37 -19.97 -8.98
C ARG B 4 0.35 -21.18 -9.91
N SER B 5 -0.35 -22.25 -9.53
CA SER B 5 -0.45 -23.45 -10.35
C SER B 5 -1.41 -23.30 -11.53
N ILE B 6 -2.15 -22.20 -11.62
CA ILE B 6 -3.16 -22.03 -12.67
C ILE B 6 -2.84 -20.90 -13.64
N THR B 7 -2.17 -19.85 -13.14
CA THR B 7 -1.78 -18.74 -13.99
C THR B 7 -0.47 -18.18 -13.44
N SER B 8 0.24 -17.39 -14.26
CA SER B 8 1.38 -16.69 -13.68
C SER B 8 1.02 -15.30 -13.20
N PRO B 9 1.77 -14.77 -12.23
CA PRO B 9 1.58 -13.39 -11.77
C PRO B 9 1.75 -12.36 -12.88
N LEU B 10 0.91 -11.33 -12.85
CA LEU B 10 0.95 -10.33 -13.91
C LEU B 10 2.16 -9.42 -13.76
N VAL B 11 2.52 -8.76 -14.87
CA VAL B 11 3.63 -7.81 -14.94
C VAL B 11 3.13 -6.56 -15.66
N ALA B 12 3.10 -5.42 -14.96
CA ALA B 12 2.63 -4.20 -15.62
C ALA B 12 3.74 -3.25 -16.03
N HIS B 13 5.01 -3.66 -15.91
CA HIS B 13 6.13 -2.81 -16.31
C HIS B 13 6.04 -2.41 -17.77
N ARG B 14 6.35 -1.14 -18.07
CA ARG B 14 6.36 -0.58 -19.42
C ARG B 14 5.01 -0.49 -20.12
N LEU B 15 3.88 -0.70 -19.45
CA LEU B 15 2.60 -0.64 -20.15
C LEU B 15 1.96 0.75 -20.08
N LYS B 16 1.59 1.24 -21.26
CA LYS B 16 0.95 2.55 -21.43
C LYS B 16 -0.34 2.67 -20.62
N PRO B 17 -0.62 3.84 -20.04
CA PRO B 17 -1.87 4.02 -19.28
C PRO B 17 -3.10 3.91 -20.17
N ILE B 18 -4.17 3.32 -19.62
CA ILE B 18 -5.40 3.12 -20.39
C ILE B 18 -6.62 2.93 -19.49
N ARG B 19 -7.72 3.65 -19.77
CA ARG B 19 -8.96 3.45 -19.01
C ARG B 19 -10.03 2.84 -19.90
N GLN B 20 -10.27 1.53 -19.72
CA GLN B 20 -11.17 0.76 -20.56
C GLN B 20 -12.47 0.43 -19.83
N LYS B 21 -13.58 0.98 -20.32
CA LYS B 21 -14.88 0.68 -19.72
C LYS B 21 -15.34 -0.66 -20.27
N THR B 22 -15.98 -1.48 -19.44
CA THR B 22 -16.71 -2.62 -19.99
C THR B 22 -18.10 -2.70 -19.34
N LYS B 23 -18.87 -3.68 -19.80
CA LYS B 23 -20.27 -3.83 -19.40
C LYS B 23 -20.43 -4.11 -17.91
N LYS B 24 -19.60 -4.99 -17.35
CA LYS B 24 -19.64 -5.31 -15.93
C LYS B 24 -18.51 -4.72 -15.08
N ALA B 25 -17.56 -4.01 -15.66
CA ALA B 25 -16.40 -3.54 -14.91
C ALA B 25 -15.77 -2.34 -15.58
N VAL B 26 -14.88 -1.66 -14.86
CA VAL B 26 -13.93 -0.74 -15.47
C VAL B 26 -12.54 -1.25 -15.13
N VAL B 27 -11.66 -1.31 -16.12
CA VAL B 27 -10.24 -1.60 -15.89
C VAL B 27 -9.36 -0.41 -16.25
N SER B 28 -8.38 -0.10 -15.39
CA SER B 28 -7.56 1.07 -15.66
C SER B 28 -6.11 0.71 -15.40
N ILE B 29 -5.23 1.04 -16.34
CA ILE B 29 -3.79 1.08 -16.14
C ILE B 29 -3.39 2.52 -15.85
N LEU B 30 -3.02 2.82 -14.61
CA LEU B 30 -2.69 4.20 -14.25
C LEU B 30 -1.30 4.58 -14.75
N ASP B 31 -0.94 5.85 -14.51
CA ASP B 31 0.38 6.35 -14.87
C ASP B 31 1.48 5.72 -14.02
N SER B 32 1.15 5.38 -12.77
CA SER B 32 2.10 4.74 -11.86
C SER B 32 2.40 3.30 -12.21
N GLU B 33 1.72 2.75 -13.22
CA GLU B 33 1.80 1.37 -13.72
C GLU B 33 1.05 0.39 -12.82
N GLU B 34 0.49 0.82 -11.70
CA GLU B 34 -0.40 -0.05 -10.96
C GLU B 34 -1.68 -0.27 -11.77
N VAL B 35 -2.32 -1.42 -11.54
CA VAL B 35 -3.50 -1.83 -12.31
C VAL B 35 -4.72 -1.83 -11.39
N CYS B 36 -5.75 -1.10 -11.78
CA CYS B 36 -6.93 -0.92 -10.94
C CYS B 36 -8.12 -1.56 -11.63
N VAL B 37 -8.95 -2.25 -10.84
CA VAL B 37 -10.21 -2.81 -11.35
C VAL B 37 -11.35 -2.31 -10.48
N GLU B 38 -12.29 -1.61 -11.10
CA GLU B 38 -13.46 -1.05 -10.45
C GLU B 38 -14.69 -1.90 -10.75
N LEU B 39 -15.36 -2.34 -9.69
CA LEU B 39 -16.62 -3.08 -9.74
C LEU B 39 -17.79 -2.12 -9.78
N VAL B 40 -18.62 -2.22 -10.81
CA VAL B 40 -19.66 -1.24 -11.09
C VAL B 40 -21.01 -1.89 -10.85
N LYS B 41 -21.81 -1.24 -10.00
CA LYS B 41 -23.18 -1.64 -9.71
C LYS B 41 -24.14 -0.48 -9.97
N GLU B 42 -25.32 -0.81 -10.50
CA GLU B 42 -26.33 0.20 -10.80
C GLU B 42 -27.32 0.37 -9.65
N TYR B 43 -27.64 1.63 -9.35
CA TYR B 43 -28.69 2.02 -8.41
C TYR B 43 -29.46 3.20 -8.98
N ALA B 44 -30.78 3.15 -8.85
CA ALA B 44 -31.66 4.28 -9.18
C ALA B 44 -31.51 4.70 -10.64
N SER B 45 -30.53 5.57 -10.91
CA SER B 45 -30.11 5.82 -12.28
C SER B 45 -28.62 6.10 -12.45
N GLN B 46 -27.83 6.09 -11.38
CA GLN B 46 -26.38 6.11 -11.52
C GLN B 46 -25.70 4.85 -11.03
N GLU B 47 -24.48 4.69 -11.51
CA GLU B 47 -23.59 3.56 -11.28
C GLU B 47 -22.54 3.94 -10.24
N TYR B 48 -22.25 3.01 -9.33
CA TYR B 48 -21.25 3.19 -8.29
C TYR B 48 -20.18 2.11 -8.38
N VAL B 49 -19.21 2.22 -7.46
CA VAL B 49 -18.08 1.30 -7.36
C VAL B 49 -18.05 0.66 -5.97
N LYS B 50 -18.34 -0.64 -5.91
CA LYS B 50 -18.42 -1.38 -4.66
C LYS B 50 -17.04 -1.67 -4.08
N GLU B 51 -16.15 -2.28 -4.86
CA GLU B 51 -14.77 -2.46 -4.42
C GLU B 51 -13.78 -2.10 -5.52
N VAL B 52 -12.55 -1.83 -5.08
CA VAL B 52 -11.43 -1.46 -5.94
C VAL B 52 -10.30 -2.43 -5.68
N LEU B 53 -9.74 -3.01 -6.77
CA LEU B 53 -8.53 -3.84 -6.73
C LEU B 53 -7.34 -3.13 -7.36
N GLN B 54 -6.46 -2.57 -6.53
CA GLN B 54 -5.19 -2.00 -6.98
C GLN B 54 -4.14 -3.11 -6.91
N ILE B 55 -3.50 -3.38 -8.05
CA ILE B 55 -2.45 -4.40 -8.17
C ILE B 55 -1.10 -3.74 -8.46
N SER B 56 -0.06 -4.13 -7.71
CA SER B 56 1.29 -3.62 -7.94
C SER B 56 1.78 -4.00 -9.35
N SER B 57 2.89 -3.36 -9.74
CA SER B 57 3.45 -3.57 -11.08
C SER B 57 3.97 -4.98 -11.32
N ASP B 58 4.67 -5.58 -10.34
CA ASP B 58 4.91 -7.01 -10.25
C ASP B 58 3.75 -7.81 -9.65
N GLY B 59 2.55 -7.25 -9.62
CA GLY B 59 1.40 -7.82 -8.96
C GLY B 59 1.61 -8.64 -7.70
N ASN B 60 2.67 -8.34 -6.94
CA ASN B 60 3.00 -9.15 -5.78
C ASN B 60 2.20 -8.69 -4.58
N THR B 61 2.03 -7.37 -4.46
CA THR B 61 1.30 -6.76 -3.37
C THR B 61 -0.02 -6.30 -3.98
N ILE B 62 -1.13 -6.73 -3.38
CA ILE B 62 -2.46 -6.35 -3.86
C ILE B 62 -3.19 -5.59 -2.76
N THR B 63 -3.55 -4.34 -3.03
CA THR B 63 -4.34 -3.56 -2.11
C THR B 63 -5.77 -3.58 -2.64
N ILE B 64 -6.73 -3.85 -1.76
CA ILE B 64 -8.13 -3.95 -2.11
C ILE B 64 -8.94 -3.17 -1.11
N TYR B 65 -9.78 -2.24 -1.57
CA TYR B 65 -10.58 -1.55 -0.57
C TYR B 65 -12.03 -1.38 -0.99
N TYR B 66 -12.83 -1.09 0.04
CA TYR B 66 -14.27 -0.89 -0.02
C TYR B 66 -14.56 0.47 0.60
N PRO B 67 -14.75 1.53 -0.20
CA PRO B 67 -15.03 2.84 0.40
C PRO B 67 -16.36 2.89 1.14
N ASN B 68 -17.47 3.09 0.40
CA ASN B 68 -18.77 3.32 1.03
C ASN B 68 -19.25 2.09 1.80
N PHE B 73 -18.54 4.73 -4.06
CA PHE B 73 -18.29 6.00 -4.72
C PHE B 73 -18.79 6.04 -6.16
N PRO B 74 -19.21 7.23 -6.61
CA PRO B 74 -19.83 7.34 -7.93
C PRO B 74 -18.77 7.19 -9.01
N LEU B 75 -19.16 6.63 -10.15
CA LEU B 75 -18.16 6.37 -11.17
C LEU B 75 -17.66 7.71 -11.70
N ALA B 76 -16.39 7.72 -12.10
CA ALA B 76 -15.71 8.94 -12.49
C ALA B 76 -14.74 8.67 -13.63
N ASP B 77 -14.01 9.72 -13.97
CA ASP B 77 -13.02 9.74 -15.03
C ASP B 77 -11.71 9.08 -14.61
N ARG B 78 -11.59 8.73 -13.33
CA ARG B 78 -10.39 8.19 -12.73
C ARG B 78 -10.84 7.28 -11.59
N PRO B 79 -9.97 6.39 -11.11
CA PRO B 79 -10.38 5.48 -10.04
C PRO B 79 -10.57 6.19 -8.71
N PRO B 80 -11.47 5.69 -7.87
CA PRO B 80 -11.70 6.27 -6.54
C PRO B 80 -10.44 6.22 -5.67
N SER B 81 -10.31 7.24 -4.81
CA SER B 81 -9.22 7.27 -3.85
C SER B 81 -9.50 6.32 -2.69
N PRO B 82 -8.46 5.68 -2.14
CA PRO B 82 -8.67 4.72 -1.06
C PRO B 82 -9.01 5.38 0.26
N THR B 83 -9.81 4.68 1.07
CA THR B 83 -10.20 5.17 2.37
C THR B 83 -9.21 4.69 3.41
N ASP B 84 -9.72 4.21 4.55
CA ASP B 84 -8.93 3.47 5.53
C ASP B 84 -9.32 2.01 5.62
N ASN B 85 -10.56 1.67 5.29
CA ASN B 85 -11.01 0.28 5.22
C ASN B 85 -10.30 -0.40 4.05
N ILE B 86 -9.02 -0.75 4.25
CA ILE B 86 -8.18 -1.30 3.20
C ILE B 86 -7.63 -2.66 3.64
N SER B 87 -7.48 -3.56 2.66
CA SER B 87 -6.88 -4.87 2.88
C SER B 87 -5.63 -4.98 2.01
N ARG B 88 -4.50 -5.37 2.61
CA ARG B 88 -3.27 -5.57 1.86
C ARG B 88 -2.91 -7.05 1.89
N TYR B 89 -2.78 -7.67 0.72
CA TYR B 89 -2.42 -9.09 0.57
C TYR B 89 -1.17 -9.29 -0.27
N SER B 90 -0.53 -10.45 -0.08
CA SER B 90 0.50 -10.93 -0.98
C SER B 90 -0.06 -12.03 -1.87
N PHE B 91 0.45 -12.10 -3.10
CA PHE B 91 -0.01 -12.99 -4.16
C PHE B 91 -0.41 -14.40 -3.73
N ASP B 92 0.38 -15.04 -2.85
CA ASP B 92 0.21 -16.45 -2.54
C ASP B 92 -0.74 -16.71 -1.37
N ASN B 93 -1.19 -15.67 -0.68
CA ASN B 93 -2.16 -15.79 0.41
C ASN B 93 -3.51 -15.19 0.01
N LEU B 94 -3.67 -14.77 -1.23
CA LEU B 94 -4.96 -14.26 -1.69
C LEU B 94 -6.03 -15.35 -1.67
N PRO B 95 -7.18 -15.08 -1.06
CA PRO B 95 -8.27 -16.06 -0.98
C PRO B 95 -9.03 -16.19 -2.28
N GLU B 96 -9.56 -17.40 -2.50
CA GLU B 96 -10.22 -17.76 -3.76
C GLU B 96 -11.22 -16.70 -4.20
N LYS B 97 -11.85 -16.00 -3.24
CA LYS B 97 -12.87 -15.01 -3.56
C LYS B 97 -12.36 -13.94 -4.52
N TYR B 98 -11.05 -13.67 -4.53
CA TYR B 98 -10.49 -12.64 -5.41
C TYR B 98 -9.84 -13.20 -6.67
N TRP B 99 -9.57 -14.51 -6.71
CA TRP B 99 -8.91 -15.13 -7.86
C TRP B 99 -9.57 -14.81 -9.20
N ARG B 100 -10.90 -14.96 -9.31
CA ARG B 100 -11.53 -14.76 -10.61
C ARG B 100 -11.28 -13.34 -11.12
N LYS B 101 -11.35 -12.37 -10.22
CA LYS B 101 -11.09 -11.00 -10.61
C LYS B 101 -9.64 -10.83 -11.04
N TYR B 102 -8.73 -11.43 -10.28
CA TYR B 102 -7.31 -11.30 -10.60
C TYR B 102 -7.02 -11.90 -11.97
N GLN B 103 -7.62 -13.07 -12.27
CA GLN B 103 -7.49 -13.69 -13.57
C GLN B 103 -8.08 -12.84 -14.68
N TYR B 104 -9.05 -11.98 -14.33
CA TYR B 104 -9.61 -11.04 -15.30
C TYR B 104 -8.58 -9.99 -15.67
N ALA B 105 -7.99 -9.36 -14.65
CA ALA B 105 -6.93 -8.40 -14.89
C ALA B 105 -5.75 -9.05 -15.60
N SER B 106 -5.41 -10.28 -15.23
CA SER B 106 -4.30 -10.99 -15.85
C SER B 106 -4.53 -11.16 -17.35
N ARG B 107 -5.72 -11.63 -17.75
CA ARG B 107 -6.00 -11.82 -19.16
C ARG B 107 -6.03 -10.50 -19.91
N PHE B 108 -6.43 -9.42 -19.22
CA PHE B 108 -6.42 -8.11 -19.87
C PHE B 108 -4.99 -7.66 -20.14
N VAL B 109 -4.19 -7.52 -19.08
CA VAL B 109 -2.77 -7.20 -19.20
C VAL B 109 -2.11 -8.05 -20.29
N GLN B 110 -2.36 -9.36 -20.26
CA GLN B 110 -1.79 -10.28 -21.25
C GLN B 110 -2.13 -9.85 -22.68
N LEU B 111 -3.40 -9.49 -22.91
CA LEU B 111 -3.77 -9.06 -24.27
C LEU B 111 -3.11 -7.75 -24.64
N VAL B 112 -3.09 -6.77 -23.73
CA VAL B 112 -2.38 -5.52 -24.01
C VAL B 112 -0.92 -5.79 -24.36
N ARG B 113 -0.23 -6.61 -23.55
CA ARG B 113 1.15 -6.96 -23.85
C ARG B 113 1.30 -7.54 -25.25
N SER B 114 0.32 -8.31 -25.71
CA SER B 114 0.52 -8.96 -27.00
C SER B 114 0.40 -8.01 -28.17
N LYS B 115 0.04 -6.75 -27.92
CA LYS B 115 -0.03 -5.72 -28.94
C LYS B 115 0.84 -4.51 -28.63
N SER B 116 1.54 -4.50 -27.48
CA SER B 116 2.43 -3.40 -27.12
C SER B 116 3.87 -3.67 -27.57
N PRO B 117 4.31 -3.04 -28.65
CA PRO B 117 5.65 -3.27 -29.17
C PRO B 117 6.78 -3.05 -28.15
N LYS B 118 7.81 -3.89 -28.24
CA LYS B 118 9.00 -3.84 -27.41
C LYS B 118 10.25 -3.56 -28.23
N ILE B 119 10.43 -4.32 -29.32
CA ILE B 119 11.51 -4.10 -30.29
C ILE B 119 10.89 -4.03 -31.68
N THR B 120 11.07 -2.90 -32.35
CA THR B 120 10.76 -2.77 -33.77
C THR B 120 12.05 -2.86 -34.57
N TYR B 121 12.01 -3.60 -35.69
CA TYR B 121 13.22 -3.82 -36.48
C TYR B 121 12.93 -3.76 -37.98
N PHE B 122 13.65 -2.87 -38.67
CA PHE B 122 13.45 -2.60 -40.08
C PHE B 122 14.48 -3.34 -40.91
N THR B 123 14.03 -4.19 -41.84
CA THR B 123 14.96 -4.86 -42.71
C THR B 123 14.87 -4.23 -44.09
N ARG B 124 15.50 -4.88 -45.08
CA ARG B 124 15.43 -4.36 -46.44
C ARG B 124 14.10 -4.71 -47.08
N TYR B 125 13.34 -5.61 -46.44
CA TYR B 125 12.10 -6.14 -46.98
C TYR B 125 10.90 -6.06 -46.05
N ALA B 126 11.05 -5.69 -44.77
CA ALA B 126 9.94 -5.84 -43.85
C ALA B 126 10.21 -5.08 -42.56
N LYS B 127 9.11 -4.68 -41.91
CA LYS B 127 9.12 -4.10 -40.56
C LYS B 127 8.71 -5.12 -39.50
N CYS B 128 9.68 -5.63 -38.74
CA CYS B 128 9.34 -6.61 -37.72
C CYS B 128 8.92 -5.88 -36.45
N ILE B 129 8.03 -6.52 -35.67
CA ILE B 129 7.63 -6.01 -34.36
C ILE B 129 7.48 -7.11 -33.32
N LEU B 130 8.48 -7.24 -32.43
CA LEU B 130 8.38 -8.13 -31.28
C LEU B 130 7.51 -7.47 -30.21
N MET B 131 6.43 -8.13 -29.78
CA MET B 131 5.62 -7.56 -28.71
C MET B 131 6.19 -7.89 -27.33
N GLU B 132 5.53 -7.35 -26.30
CA GLU B 132 5.95 -7.47 -24.91
C GLU B 132 5.46 -8.72 -24.20
N ASN B 133 4.61 -9.54 -24.82
CA ASN B 133 4.00 -10.68 -24.11
C ASN B 133 4.95 -11.88 -24.05
N SER B 134 6.08 -11.67 -23.36
CA SER B 134 7.14 -12.66 -23.15
C SER B 134 6.75 -13.64 -22.03
N PRO B 135 7.11 -14.93 -22.16
CA PRO B 135 7.87 -15.53 -23.25
C PRO B 135 6.98 -16.00 -24.39
N GLY B 136 7.61 -16.37 -25.51
CA GLY B 136 6.88 -16.73 -26.72
C GLY B 136 5.99 -15.57 -27.14
N ALA B 137 6.57 -14.38 -27.18
CA ALA B 137 5.84 -13.18 -27.53
C ALA B 137 5.36 -13.21 -28.98
N ASP B 138 4.21 -12.57 -29.21
CA ASP B 138 3.72 -12.43 -30.57
C ASP B 138 4.79 -11.74 -31.40
N PHE B 139 4.82 -12.03 -32.70
CA PHE B 139 5.87 -11.52 -33.56
C PHE B 139 5.31 -11.20 -34.94
N GLU B 140 5.15 -9.91 -35.24
CA GLU B 140 4.56 -9.50 -36.51
C GLU B 140 5.67 -9.12 -37.50
N VAL B 141 5.55 -9.62 -38.72
CA VAL B 141 6.45 -9.25 -39.81
C VAL B 141 5.60 -8.59 -40.89
N TRP B 142 5.74 -7.27 -41.05
CA TRP B 142 4.97 -6.53 -42.03
C TRP B 142 5.85 -6.25 -43.25
N PHE B 143 5.85 -7.20 -44.19
CA PHE B 143 6.64 -7.01 -45.40
C PHE B 143 6.18 -5.73 -46.10
N TYR B 144 7.14 -5.03 -46.71
CA TYR B 144 6.83 -3.77 -47.38
C TYR B 144 5.88 -3.95 -48.56
N ASP B 145 6.01 -5.06 -49.29
CA ASP B 145 5.13 -5.29 -50.43
C ASP B 145 3.68 -5.61 -50.06
N GLY B 146 3.34 -5.69 -48.78
CA GLY B 146 1.96 -5.87 -48.35
C GLY B 146 1.72 -7.17 -47.61
N VAL B 147 2.54 -8.19 -47.86
CA VAL B 147 2.35 -9.48 -47.22
C VAL B 147 2.48 -9.32 -45.73
N LYS B 148 1.57 -9.96 -45.00
CA LYS B 148 1.60 -9.92 -43.55
C LYS B 148 1.95 -11.29 -42.98
N ILE B 149 2.70 -11.32 -41.87
CA ILE B 149 2.94 -12.56 -41.16
C ILE B 149 2.87 -12.29 -39.66
N HIS B 150 2.37 -13.27 -38.92
CA HIS B 150 2.14 -13.12 -37.49
C HIS B 150 2.42 -14.45 -36.84
N LYS B 151 3.25 -14.48 -35.81
CA LYS B 151 3.59 -15.74 -35.17
C LYS B 151 3.24 -15.67 -33.70
N THR B 152 2.41 -16.60 -33.25
CA THR B 152 2.06 -16.79 -31.85
C THR B 152 2.61 -18.14 -31.43
N GLU B 153 2.64 -18.40 -30.13
CA GLU B 153 3.07 -19.72 -29.67
C GLU B 153 2.23 -20.83 -30.30
N ASP B 154 1.03 -20.50 -30.77
CA ASP B 154 0.11 -21.49 -31.34
C ASP B 154 -0.04 -21.29 -32.84
N PHE B 155 -0.74 -20.25 -33.28
CA PHE B 155 -1.07 -20.12 -34.69
C PHE B 155 -0.12 -19.14 -35.36
N ILE B 156 -0.16 -19.14 -36.69
CA ILE B 156 0.71 -18.31 -37.51
C ILE B 156 -0.18 -17.80 -38.62
N GLN B 157 -0.53 -16.52 -38.57
CA GLN B 157 -1.43 -15.95 -39.57
C GLN B 157 -0.63 -15.34 -40.71
N VAL B 158 -1.11 -15.56 -41.94
CA VAL B 158 -0.47 -14.99 -43.11
C VAL B 158 -1.50 -14.25 -43.94
N ILE B 159 -1.08 -13.16 -44.56
CA ILE B 159 -1.92 -12.47 -45.53
C ILE B 159 -1.09 -12.21 -46.77
N GLU B 160 -1.76 -12.12 -47.90
CA GLU B 160 -1.12 -11.91 -49.19
C GLU B 160 -1.65 -10.59 -49.75
N LYS B 161 -1.04 -10.10 -50.82
CA LYS B 161 -1.47 -8.80 -51.33
C LYS B 161 -2.94 -8.82 -51.71
N THR B 162 -3.39 -9.95 -52.28
CA THR B 162 -4.77 -10.09 -52.74
C THR B 162 -5.76 -10.05 -51.59
N GLY B 163 -5.31 -10.34 -50.37
CA GLY B 163 -6.16 -10.39 -49.22
C GLY B 163 -6.65 -11.78 -48.85
N LYS B 164 -6.08 -12.82 -49.47
CA LYS B 164 -6.41 -14.20 -49.11
C LYS B 164 -5.91 -14.46 -47.70
N SER B 165 -6.72 -14.01 -46.73
CA SER B 165 -6.38 -14.12 -45.32
C SER B 165 -6.60 -15.55 -44.84
N TYR B 166 -5.56 -16.14 -44.25
CA TYR B 166 -5.68 -17.53 -43.81
C TYR B 166 -4.60 -17.83 -42.79
N THR B 167 -4.71 -19.01 -42.21
CA THR B 167 -4.10 -19.39 -40.94
C THR B 167 -3.64 -20.82 -41.07
N LEU B 168 -2.82 -21.27 -40.12
CA LEU B 168 -2.25 -22.60 -40.20
C LEU B 168 -2.18 -23.17 -38.80
N LYS B 169 -2.21 -24.49 -38.72
CA LYS B 169 -2.15 -25.20 -37.45
C LYS B 169 -0.71 -25.52 -37.11
N SER B 170 -0.22 -26.64 -37.63
CA SER B 170 0.75 -27.50 -36.99
C SER B 170 1.94 -27.64 -37.93
N GLU B 171 2.97 -28.32 -37.49
CA GLU B 171 4.15 -28.38 -38.34
C GLU B 171 3.96 -29.38 -39.48
N SER B 172 2.74 -29.93 -39.65
CA SER B 172 2.52 -30.89 -40.73
C SER B 172 2.72 -30.25 -42.09
N GLU B 173 2.18 -29.04 -42.30
CA GLU B 173 2.28 -28.45 -43.62
C GLU B 173 3.48 -27.53 -43.81
N VAL B 174 4.42 -27.50 -42.86
CA VAL B 174 5.39 -26.41 -42.93
C VAL B 174 6.22 -26.52 -44.20
N ASN B 175 6.79 -27.70 -44.44
CA ASN B 175 7.72 -27.82 -45.55
C ASN B 175 6.99 -27.70 -46.88
N SER B 176 5.83 -28.34 -46.99
CA SER B 176 5.08 -28.41 -48.24
C SER B 176 4.30 -27.11 -48.36
N LEU B 177 4.87 -26.14 -49.07
CA LEU B 177 4.21 -24.87 -49.32
C LEU B 177 4.97 -24.18 -50.43
N LYS B 178 4.34 -23.14 -51.00
CA LYS B 178 4.99 -22.46 -52.11
C LYS B 178 6.27 -21.84 -51.59
N GLU B 179 7.40 -22.13 -52.27
CA GLU B 179 8.69 -21.73 -51.73
C GLU B 179 8.82 -20.22 -51.57
N GLU B 180 7.97 -19.44 -52.24
CA GLU B 180 7.91 -18.01 -51.95
C GLU B 180 7.46 -17.74 -50.52
N ILE B 181 6.47 -18.50 -50.05
CA ILE B 181 6.06 -18.30 -48.66
C ILE B 181 7.13 -18.84 -47.73
N LYS B 182 7.87 -19.87 -48.17
CA LYS B 182 9.00 -20.34 -47.38
C LYS B 182 10.04 -19.23 -47.24
N MET B 183 10.23 -18.45 -48.30
CA MET B 183 11.15 -17.31 -48.26
C MET B 183 10.69 -16.30 -47.22
N TYR B 184 9.38 -16.04 -47.18
CA TYR B 184 8.87 -15.09 -46.20
C TYR B 184 9.09 -15.62 -44.79
N MET B 185 8.85 -16.92 -44.58
CA MET B 185 9.00 -17.48 -43.25
C MET B 185 10.48 -17.53 -42.86
N ASP B 186 11.37 -17.80 -43.82
CA ASP B 186 12.79 -17.84 -43.53
C ASP B 186 13.25 -16.47 -43.04
N HIS B 187 12.84 -15.41 -43.74
CA HIS B 187 13.26 -14.09 -43.31
C HIS B 187 12.64 -13.76 -41.95
N ALA B 188 11.42 -14.22 -41.70
CA ALA B 188 10.78 -13.94 -40.43
C ALA B 188 11.41 -14.72 -39.28
N ASN B 189 11.93 -15.92 -39.53
CA ASN B 189 12.59 -16.66 -38.47
C ASN B 189 13.99 -16.11 -38.21
N GLU B 190 14.65 -15.62 -39.26
CA GLU B 190 15.90 -14.88 -39.06
C GLU B 190 15.62 -13.69 -38.14
N GLY B 191 14.58 -12.92 -38.45
CA GLY B 191 14.25 -11.78 -37.63
C GLY B 191 13.92 -12.17 -36.20
N HIS B 192 13.17 -13.26 -36.02
CA HIS B 192 12.81 -13.71 -34.67
C HIS B 192 14.03 -14.08 -33.83
N ARG B 193 14.92 -14.92 -34.37
CA ARG B 193 16.17 -15.23 -33.66
C ARG B 193 16.93 -13.96 -33.32
N ILE B 194 17.05 -13.03 -34.27
CA ILE B 194 17.79 -11.79 -34.02
C ILE B 194 17.14 -11.01 -32.88
N CYS B 195 15.83 -10.77 -32.98
CA CYS B 195 15.15 -9.97 -31.96
C CYS B 195 15.22 -10.61 -30.58
N LEU B 196 15.11 -11.94 -30.49
CA LEU B 196 15.25 -12.57 -29.18
C LEU B 196 16.67 -12.44 -28.63
N ALA B 197 17.67 -12.51 -29.51
CA ALA B 197 19.04 -12.30 -29.07
C ALA B 197 19.23 -10.88 -28.54
N LEU B 198 18.76 -9.89 -29.31
CA LEU B 198 18.88 -8.51 -28.86
C LEU B 198 18.16 -8.29 -27.53
N GLU B 199 16.96 -8.85 -27.38
CA GLU B 199 16.22 -8.73 -26.12
C GLU B 199 17.05 -9.28 -24.97
N SER B 200 17.66 -10.45 -25.18
CA SER B 200 18.39 -11.13 -24.12
C SER B 200 19.62 -10.33 -23.70
N ILE B 201 20.39 -9.83 -24.68
CA ILE B 201 21.61 -9.10 -24.34
C ILE B 201 21.28 -7.75 -23.72
N ILE B 202 20.26 -7.06 -24.22
CA ILE B 202 19.94 -5.76 -23.68
C ILE B 202 19.40 -5.93 -22.27
N SER B 203 18.59 -6.97 -22.06
CA SER B 203 18.08 -7.31 -20.74
C SER B 203 19.23 -7.55 -19.78
N GLU B 204 20.23 -8.35 -20.18
CA GLU B 204 21.38 -8.63 -19.32
C GLU B 204 22.11 -7.34 -18.93
N GLU B 205 22.33 -6.45 -19.90
CA GLU B 205 22.96 -5.18 -19.53
C GLU B 205 22.06 -4.38 -18.60
N GLU B 206 20.74 -4.52 -18.75
CA GLU B 206 19.83 -3.82 -17.85
C GLU B 206 19.96 -4.41 -16.44
N ARG B 207 20.09 -5.74 -16.36
CA ARG B 207 20.35 -6.43 -15.10
C ARG B 207 21.51 -5.77 -14.39
N LYS B 208 22.59 -5.52 -15.12
CA LYS B 208 23.69 -4.76 -14.52
C LYS B 208 23.28 -3.31 -14.29
N THR B 209 22.68 -2.68 -15.31
CA THR B 209 22.39 -1.25 -15.26
C THR B 209 21.44 -0.93 -14.11
N ARG B 210 21.48 0.34 -13.65
CA ARG B 210 20.58 0.81 -12.59
C ARG B 210 20.05 2.21 -12.96
N SER B 211 19.17 2.27 -13.95
CA SER B 211 18.48 3.52 -14.30
C SER B 211 17.36 3.30 -15.32
N ALA B 212 16.97 4.39 -15.98
CA ALA B 212 15.87 4.51 -16.94
C ALA B 212 15.73 3.33 -17.89
N PRO B 213 14.51 2.95 -18.28
CA PRO B 213 14.33 1.72 -19.08
C PRO B 213 15.09 1.73 -20.39
N PHE B 214 15.48 0.54 -20.84
CA PHE B 214 16.09 0.31 -22.14
C PHE B 214 15.12 -0.22 -23.20
N PHE B 215 13.83 -0.29 -22.90
CA PHE B 215 12.81 -0.62 -23.89
C PHE B 215 11.64 0.33 -23.73
N PRO B 216 10.91 0.65 -24.82
CA PRO B 216 10.94 0.23 -26.23
C PRO B 216 12.21 0.58 -27.00
N ILE B 217 12.37 -0.04 -28.16
CA ILE B 217 13.59 0.15 -28.94
C ILE B 217 13.28 -0.05 -30.43
N ILE B 218 13.61 0.97 -31.24
CA ILE B 218 13.49 0.95 -32.69
C ILE B 218 14.86 0.78 -33.34
N ILE B 219 14.91 -0.02 -34.40
CA ILE B 219 16.18 -0.40 -35.03
C ILE B 219 16.00 -0.31 -36.55
N GLY B 220 16.88 0.43 -37.22
CA GLY B 220 16.81 0.61 -38.65
C GLY B 220 15.77 1.63 -39.09
N ARG B 221 15.52 1.62 -40.40
CA ARG B 221 14.73 2.65 -41.06
C ARG B 221 14.29 2.12 -42.41
N LYS B 222 13.16 2.62 -42.88
CA LYS B 222 12.71 2.28 -44.22
C LYS B 222 13.48 3.10 -45.25
N PRO B 223 14.13 2.47 -46.24
CA PRO B 223 14.88 3.18 -47.28
C PRO B 223 13.99 4.01 -48.20
N ILE C 1 -17.63 -12.64 -13.13
CA ILE C 1 -17.20 -11.74 -14.19
C ILE C 1 -16.61 -12.51 -15.36
N ASP C 2 -16.18 -13.76 -15.11
CA ASP C 2 -15.43 -14.53 -16.10
C ASP C 2 -16.19 -14.80 -17.40
N ASP C 3 -17.19 -13.98 -17.70
CA ASP C 3 -17.85 -13.97 -19.00
C ASP C 3 -17.50 -12.74 -19.82
N GLU C 4 -16.85 -11.74 -19.22
CA GLU C 4 -16.81 -10.40 -19.78
C GLU C 4 -15.96 -10.34 -21.05
N MET C 5 -16.44 -9.57 -22.03
CA MET C 5 -15.66 -9.17 -23.19
C MET C 5 -15.38 -7.67 -23.09
N PHE C 6 -14.15 -7.29 -23.41
CA PHE C 6 -13.67 -5.93 -23.21
C PHE C 6 -12.94 -5.37 -24.42
N TYR C 7 -13.03 -6.04 -25.57
CA TYR C 7 -12.26 -5.68 -26.75
C TYR C 7 -13.14 -4.85 -27.69
N ASP C 8 -13.33 -3.57 -27.34
CA ASP C 8 -14.09 -2.62 -28.13
C ASP C 8 -13.19 -1.50 -28.68
N ASP C 9 -13.82 -0.45 -29.21
CA ASP C 9 -13.15 0.42 -30.17
C ASP C 9 -12.21 1.44 -29.52
N HIS C 10 -12.50 1.86 -28.28
CA HIS C 10 -11.60 2.76 -27.59
C HIS C 10 -10.22 2.11 -27.44
N LEU C 11 -10.21 0.82 -27.14
CA LEU C 11 -8.98 0.05 -27.15
C LEU C 11 -8.35 0.03 -28.54
N GLU C 12 -9.16 0.11 -29.60
CA GLU C 12 -8.60 0.20 -30.95
C GLU C 12 -7.89 1.53 -31.17
N ALA C 13 -8.43 2.62 -30.62
CA ALA C 13 -7.70 3.89 -30.67
C ALA C 13 -6.38 3.79 -29.90
N TYR C 14 -6.41 3.14 -28.73
CA TYR C 14 -5.19 2.88 -27.98
C TYR C 14 -4.16 2.12 -28.82
N PHE C 15 -4.60 1.08 -29.53
CA PHE C 15 -3.67 0.29 -30.32
C PHE C 15 -3.11 1.08 -31.51
N GLU C 16 -3.98 1.82 -32.21
CA GLU C 16 -3.53 2.75 -33.23
C GLU C 16 -2.41 3.63 -32.69
N GLN C 17 -2.65 4.29 -31.55
CA GLN C 17 -1.61 5.12 -30.94
C GLN C 17 -0.33 4.34 -30.68
N LEU C 18 -0.47 3.07 -30.25
CA LEU C 18 0.71 2.25 -30.02
C LEU C 18 1.56 2.10 -31.28
N ALA C 19 0.92 1.81 -32.41
CA ALA C 19 1.69 1.59 -33.63
C ALA C 19 2.00 2.87 -34.40
N ILE C 20 1.53 4.04 -33.94
CA ILE C 20 1.79 5.29 -34.67
C ILE C 20 3.27 5.64 -34.72
N PRO C 21 4.06 5.52 -33.63
CA PRO C 21 5.51 5.82 -33.74
C PRO C 21 6.25 4.94 -34.74
N GLY C 22 5.56 3.97 -35.34
CA GLY C 22 6.14 3.14 -36.37
C GLY C 22 5.79 3.60 -37.77
#